data_8II0
#
_entry.id   8II0
#
_cell.length_a   86.615
_cell.length_b   86.615
_cell.length_c   147.097
_cell.angle_alpha   90.000
_cell.angle_beta   90.000
_cell.angle_gamma   90.000
#
_symmetry.space_group_name_H-M   'P 41 21 2'
#
loop_
_entity.id
_entity.type
_entity.pdbx_description
1 polymer 'Hypoxia-inducible factor 1-alpha inhibitor'
2 non-polymer '2-[[5-[3-(3-chlorophenyl)-1,2-oxazol-5-yl]-3-oxidanyl-pyridin-2-yl]carbonylamino]ethanoic acid'
3 non-polymer GLYCEROL
4 non-polymer 'ZINC ION'
5 non-polymer 'SULFATE ION'
6 water water
#
_entity_poly.entity_id   1
_entity_poly.type   'polypeptide(L)'
_entity_poly.pdbx_seq_one_letter_code
;MAATAAEAVASGSGEPREEAGALGPAWDESQLRSYSFPTRPIPRLSQSDPRAEELIENEEPVVLTDTNLVYPALKWDLEY
LQENIGNGDFSVYSASTHKFLYYDEKKMANFQNFKPRSNREEMKFHEFVEKLQDIQQRGGEERLYLQQTLNDTVGRKIVM
DFLGFNWNWINKQQGKRGWGQLTSNLLLIGMEGNVTPAHYDEQQNFFAQIKGYKRCILFPPDQFECLYPYPVHHPCDRQS
QVDFDNPDYERFPNFQNVVGYETVVGPGDVLYIPMYWWHHIESLLNGGITITVNFWYKGAPTPKRIEYPLKAHQKVAIMR
NIEKMLGEALGNPQEVGPLLNTMIKGRYN
;
_entity_poly.pdbx_strand_id   A
#
loop_
_chem_comp.id
_chem_comp.type
_chem_comp.name
_chem_comp.formula
GOL non-polymer GLYCEROL 'C3 H8 O3'
P5I non-polymer '2-[[5-[3-(3-chlorophenyl)-1,2-oxazol-5-yl]-3-oxidanyl-pyridin-2-yl]carbonylamino]ethanoic acid' 'C17 H12 Cl N3 O5'
SO4 non-polymer 'SULFATE ION' 'O4 S -2'
ZN non-polymer 'ZINC ION' 'Zn 2'
#
# COMPACT_ATOMS: atom_id res chain seq x y z
N VAL A 9 -21.73 6.01 -1.09
CA VAL A 9 -21.38 7.36 -1.52
C VAL A 9 -19.88 7.42 -1.84
N ALA A 10 -19.41 6.48 -2.65
CA ALA A 10 -17.98 6.35 -2.96
C ALA A 10 -17.56 7.25 -4.13
N SER A 11 -18.26 8.35 -4.37
CA SER A 11 -17.84 9.35 -5.35
C SER A 11 -16.78 10.24 -4.71
N GLY A 12 -15.60 9.65 -4.53
CA GLY A 12 -14.55 10.30 -3.77
C GLY A 12 -13.36 10.77 -4.59
N SER A 13 -13.22 10.29 -5.81
CA SER A 13 -12.13 10.72 -6.68
C SER A 13 -12.47 11.98 -7.47
N GLY A 14 -13.65 12.56 -7.25
CA GLY A 14 -14.11 13.69 -8.01
C GLY A 14 -14.34 13.34 -9.47
N GLU A 15 -14.63 14.38 -10.25
CA GLU A 15 -14.77 14.19 -11.68
C GLU A 15 -13.41 13.88 -12.29
N PRO A 16 -13.35 12.94 -13.25
CA PRO A 16 -12.05 12.54 -13.81
C PRO A 16 -11.35 13.70 -14.50
N ARG A 17 -10.03 13.79 -14.26
CA ARG A 17 -9.25 14.86 -14.85
C ARG A 17 -9.13 14.70 -16.36
N GLU A 18 -9.05 15.83 -17.05
CA GLU A 18 -8.88 15.85 -18.51
C GLU A 18 -7.41 15.94 -18.85
N GLU A 19 -6.93 15.02 -19.69
CA GLU A 19 -5.53 15.03 -20.10
C GLU A 19 -5.25 16.20 -21.02
N ALA A 20 -4.01 16.68 -20.98
CA ALA A 20 -3.60 17.80 -21.81
C ALA A 20 -3.68 17.45 -23.28
N GLY A 21 -3.86 18.47 -24.12
CA GLY A 21 -4.01 18.24 -25.54
C GLY A 21 -5.37 17.73 -25.97
N ALA A 22 -6.40 17.95 -25.15
CA ALA A 22 -7.76 17.50 -25.46
C ALA A 22 -7.81 16.01 -25.74
N LEU A 23 -6.98 15.25 -25.02
CA LEU A 23 -6.88 13.81 -25.21
C LEU A 23 -7.96 13.02 -24.50
N GLY A 24 -8.98 13.70 -23.97
CA GLY A 24 -10.09 13.02 -23.35
C GLY A 24 -9.85 12.75 -21.87
N PRO A 25 -10.85 12.18 -21.21
CA PRO A 25 -10.70 11.89 -19.77
C PRO A 25 -9.67 10.80 -19.54
N ALA A 26 -8.83 11.01 -18.52
CA ALA A 26 -7.82 10.02 -18.18
C ALA A 26 -8.45 8.70 -17.77
N TRP A 27 -9.63 8.73 -17.16
CA TRP A 27 -10.36 7.53 -16.78
C TRP A 27 -11.83 7.88 -16.68
N ASP A 28 -12.65 6.86 -16.41
CA ASP A 28 -14.06 7.07 -16.12
C ASP A 28 -14.48 6.07 -15.05
N GLU A 29 -15.60 6.36 -14.38
CA GLU A 29 -15.96 5.63 -13.18
C GLU A 29 -16.26 4.15 -13.44
N SER A 30 -16.55 3.77 -14.69
CA SER A 30 -16.76 2.35 -14.99
C SER A 30 -15.53 1.51 -14.68
N GLN A 31 -14.35 2.13 -14.57
CA GLN A 31 -13.12 1.42 -14.25
C GLN A 31 -12.88 1.29 -12.76
N LEU A 32 -13.71 1.92 -11.92
CA LEU A 32 -13.60 1.80 -10.48
C LEU A 32 -14.53 0.71 -9.97
N ARG A 33 -14.02 -0.08 -9.02
CA ARG A 33 -14.87 -1.09 -8.39
C ARG A 33 -15.82 -0.41 -7.39
N SER A 34 -16.94 -1.07 -7.14
CA SER A 34 -17.99 -0.52 -6.28
C SER A 34 -17.91 -1.16 -4.90
N TYR A 35 -18.02 -0.34 -3.86
CA TYR A 35 -17.91 -0.80 -2.49
C TYR A 35 -19.04 -0.19 -1.66
N SER A 36 -19.15 -0.67 -0.42
CA SER A 36 -20.28 -0.36 0.44
C SER A 36 -20.06 0.86 1.33
N PHE A 37 -18.92 1.54 1.21
CA PHE A 37 -18.65 2.63 2.14
C PHE A 37 -18.49 3.95 1.40
N PRO A 38 -18.75 5.08 2.07
CA PRO A 38 -18.51 6.39 1.45
C PRO A 38 -17.06 6.83 1.59
N THR A 39 -16.66 7.72 0.68
CA THR A 39 -15.33 8.30 0.68
C THR A 39 -15.42 9.78 0.36
N ARG A 40 -14.35 10.49 0.66
CA ARG A 40 -14.20 11.90 0.32
C ARG A 40 -12.82 12.13 -0.27
N PRO A 41 -12.65 13.17 -1.09
CA PRO A 41 -11.42 13.27 -1.89
C PRO A 41 -10.19 13.61 -1.06
N ILE A 42 -9.08 12.98 -1.43
CA ILE A 42 -7.76 13.38 -0.95
C ILE A 42 -7.33 14.63 -1.71
N PRO A 43 -6.84 15.67 -1.04
CA PRO A 43 -6.47 16.90 -1.75
C PRO A 43 -5.33 16.68 -2.73
N ARG A 44 -5.48 17.26 -3.92
CA ARG A 44 -4.43 17.29 -4.94
C ARG A 44 -3.85 18.70 -4.95
N LEU A 45 -2.58 18.82 -4.59
CA LEU A 45 -1.95 20.12 -4.40
C LEU A 45 -0.59 20.15 -5.05
N SER A 46 -0.10 21.36 -5.30
CA SER A 46 1.26 21.57 -5.73
C SER A 46 2.21 21.45 -4.54
N GLN A 47 3.42 20.94 -4.81
CA GLN A 47 4.39 20.80 -3.74
C GLN A 47 4.81 22.13 -3.16
N SER A 48 4.62 23.22 -3.90
CA SER A 48 4.89 24.56 -3.38
C SER A 48 3.75 25.10 -2.52
N ASP A 49 2.58 24.47 -2.59
CA ASP A 49 1.43 24.91 -1.80
C ASP A 49 1.69 24.64 -0.31
N PRO A 50 1.65 25.66 0.54
CA PRO A 50 1.85 25.41 1.98
C PRO A 50 0.80 24.49 2.59
N ARG A 51 -0.40 24.41 2.00
CA ARG A 51 -1.39 23.47 2.51
C ARG A 51 -0.90 22.04 2.42
N ALA A 52 -0.21 21.69 1.33
CA ALA A 52 0.36 20.36 1.21
C ALA A 52 1.47 20.14 2.24
N GLU A 53 2.17 21.21 2.61
CA GLU A 53 3.26 21.07 3.57
C GLU A 53 2.74 20.80 4.97
N GLU A 54 1.64 21.47 5.37
CA GLU A 54 1.07 21.21 6.68
C GLU A 54 0.27 19.92 6.73
N LEU A 55 -0.18 19.42 5.58
CA LEU A 55 -0.81 18.09 5.56
C LEU A 55 0.21 17.00 5.87
N ILE A 56 1.39 17.08 5.24
CA ILE A 56 2.44 16.10 5.51
C ILE A 56 2.92 16.22 6.95
N GLU A 57 3.04 17.45 7.45
CA GLU A 57 3.53 17.65 8.81
C GLU A 57 2.56 17.05 9.83
N ASN A 58 1.26 17.21 9.60
CA ASN A 58 0.25 16.64 10.50
C ASN A 58 -0.14 15.23 10.11
N GLU A 59 0.64 14.57 9.24
CA GLU A 59 0.45 13.17 8.88
C GLU A 59 -0.94 12.91 8.34
N GLU A 60 -1.33 13.71 7.35
CA GLU A 60 -2.55 13.50 6.59
C GLU A 60 -2.20 13.30 5.11
N PRO A 61 -2.94 12.46 4.40
CA PRO A 61 -2.58 12.16 3.01
C PRO A 61 -2.73 13.39 2.12
N VAL A 62 -1.93 13.42 1.07
CA VAL A 62 -2.00 14.47 0.06
C VAL A 62 -1.40 13.92 -1.22
N VAL A 63 -2.00 14.29 -2.35
CA VAL A 63 -1.45 13.96 -3.67
C VAL A 63 -0.70 15.17 -4.18
N LEU A 64 0.60 15.01 -4.40
CA LEU A 64 1.43 16.07 -4.94
C LEU A 64 1.55 15.89 -6.45
N THR A 65 1.25 16.94 -7.20
CA THR A 65 1.12 16.80 -8.65
C THR A 65 2.39 17.17 -9.41
N ASP A 66 3.34 17.85 -8.78
CA ASP A 66 4.44 18.47 -9.51
C ASP A 66 5.76 18.34 -8.76
N THR A 67 6.01 17.17 -8.16
CA THR A 67 7.29 16.99 -7.49
C THR A 67 8.42 16.67 -8.48
N ASN A 68 8.09 16.10 -9.64
CA ASN A 68 9.09 15.55 -10.56
C ASN A 68 9.94 14.50 -9.87
N LEU A 69 9.34 13.79 -8.92
CA LEU A 69 10.09 12.86 -8.09
C LEU A 69 10.69 11.72 -8.91
N VAL A 70 9.90 11.18 -9.83
CA VAL A 70 10.36 10.07 -10.66
C VAL A 70 10.23 10.45 -12.12
N TYR A 71 10.52 11.72 -12.43
CA TYR A 71 10.42 12.22 -13.81
C TYR A 71 11.14 11.34 -14.83
N PRO A 72 12.39 10.93 -14.63
CA PRO A 72 13.04 10.07 -15.63
C PRO A 72 12.38 8.72 -15.80
N ALA A 73 11.57 8.28 -14.85
CA ALA A 73 10.90 6.99 -14.95
C ALA A 73 9.60 7.04 -15.73
N LEU A 74 9.11 8.24 -16.06
CA LEU A 74 7.83 8.33 -16.75
C LEU A 74 7.88 7.72 -18.14
N LYS A 75 9.07 7.58 -18.73
CA LYS A 75 9.22 6.91 -20.01
C LYS A 75 9.23 5.40 -19.90
N TRP A 76 9.18 4.84 -18.69
CA TRP A 76 9.28 3.40 -18.50
C TRP A 76 8.06 2.69 -19.07
N ASP A 77 8.32 1.56 -19.73
CA ASP A 77 7.28 0.61 -20.11
C ASP A 77 7.90 -0.78 -20.01
N LEU A 78 7.16 -1.79 -20.48
CA LEU A 78 7.66 -3.17 -20.37
C LEU A 78 8.87 -3.38 -21.28
N GLU A 79 8.88 -2.75 -22.45
CA GLU A 79 10.00 -2.94 -23.38
C GLU A 79 11.27 -2.27 -22.85
N TYR A 80 11.16 -1.00 -22.44
CA TYR A 80 12.33 -0.28 -21.95
C TYR A 80 12.95 -0.96 -20.73
N LEU A 81 12.10 -1.41 -19.80
CA LEU A 81 12.62 -2.05 -18.60
C LEU A 81 13.27 -3.40 -18.91
N GLN A 82 12.63 -4.20 -19.77
CA GLN A 82 13.19 -5.49 -20.13
C GLN A 82 14.58 -5.35 -20.75
N GLU A 83 14.86 -4.23 -21.40
CA GLU A 83 16.15 -4.03 -22.05
C GLU A 83 17.21 -3.54 -21.08
N ASN A 84 16.82 -2.84 -20.01
CA ASN A 84 17.78 -2.13 -19.17
C ASN A 84 17.76 -2.50 -17.70
N ILE A 85 16.73 -3.21 -17.22
CA ILE A 85 16.63 -3.46 -15.78
C ILE A 85 17.66 -4.48 -15.29
N GLY A 86 18.35 -5.16 -16.19
CA GLY A 86 19.34 -6.14 -15.82
C GLY A 86 18.80 -7.56 -15.92
N ASN A 87 19.49 -8.47 -15.23
CA ASN A 87 19.14 -9.88 -15.25
C ASN A 87 19.00 -10.44 -13.84
N GLY A 88 18.58 -9.62 -12.90
CA GLY A 88 18.33 -10.07 -11.55
C GLY A 88 17.05 -10.88 -11.45
N ASP A 89 16.80 -11.38 -10.25
CA ASP A 89 15.61 -12.16 -9.96
C ASP A 89 14.55 -11.26 -9.36
N PHE A 90 13.36 -11.27 -9.96
CA PHE A 90 12.27 -10.39 -9.58
C PHE A 90 11.15 -11.21 -8.93
N SER A 91 10.74 -10.79 -7.73
CA SER A 91 9.63 -11.43 -7.04
C SER A 91 8.33 -11.14 -7.78
N VAL A 92 7.64 -12.19 -8.21
CA VAL A 92 6.37 -12.07 -8.93
C VAL A 92 5.33 -12.91 -8.22
N TYR A 93 4.22 -12.29 -7.84
CA TYR A 93 3.16 -12.97 -7.11
C TYR A 93 2.01 -13.28 -8.08
N SER A 94 1.58 -14.54 -8.09
CA SER A 94 0.49 -14.98 -8.93
C SER A 94 -0.79 -15.07 -8.11
N ALA A 95 -1.93 -15.04 -8.80
CA ALA A 95 -3.23 -15.13 -8.14
C ALA A 95 -4.30 -15.41 -9.18
N SER A 96 -5.27 -16.24 -8.81
CA SER A 96 -6.42 -16.52 -9.65
C SER A 96 -7.57 -15.54 -9.43
N THR A 97 -7.47 -14.69 -8.41
CA THR A 97 -8.45 -13.66 -8.12
C THR A 97 -7.79 -12.30 -8.23
N HIS A 98 -8.62 -11.25 -8.24
CA HIS A 98 -8.09 -9.90 -8.36
C HIS A 98 -7.47 -9.41 -7.07
N LYS A 99 -7.74 -10.06 -5.95
CA LYS A 99 -7.21 -9.65 -4.65
C LYS A 99 -5.89 -10.35 -4.38
N PHE A 100 -4.83 -9.57 -4.19
CA PHE A 100 -3.50 -10.09 -3.87
C PHE A 100 -3.28 -9.95 -2.37
N LEU A 101 -3.74 -10.94 -1.62
CA LEU A 101 -3.49 -10.99 -0.18
C LEU A 101 -2.07 -11.49 0.05
N TYR A 102 -1.18 -10.60 0.51
CA TYR A 102 0.18 -10.98 0.86
C TYR A 102 0.24 -11.53 2.28
N TYR A 103 1.23 -12.39 2.51
CA TYR A 103 1.36 -13.12 3.75
C TYR A 103 2.83 -13.18 4.15
N ASP A 104 3.09 -13.09 5.46
CA ASP A 104 4.45 -13.16 6.00
C ASP A 104 4.86 -14.63 6.06
N GLU A 105 5.87 -15.01 5.28
CA GLU A 105 6.28 -16.41 5.27
C GLU A 105 6.90 -16.82 6.59
N LYS A 106 7.53 -15.88 7.30
CA LYS A 106 8.17 -16.21 8.56
C LYS A 106 7.14 -16.55 9.64
N LYS A 107 5.91 -16.05 9.50
CA LYS A 107 4.84 -16.30 10.46
C LYS A 107 3.95 -17.46 10.06
N MET A 108 4.23 -18.11 8.93
CA MET A 108 3.39 -19.21 8.49
C MET A 108 3.50 -20.44 9.38
N ALA A 109 4.54 -20.50 10.23
CA ALA A 109 4.67 -21.63 11.16
C ALA A 109 3.63 -21.55 12.27
N ASN A 110 3.26 -20.33 12.68
CA ASN A 110 2.32 -20.18 13.78
C ASN A 110 0.93 -20.67 13.40
N PHE A 111 0.57 -20.63 12.12
CA PHE A 111 -0.76 -20.98 11.64
C PHE A 111 -0.62 -22.06 10.56
N GLN A 112 -0.71 -23.33 10.98
CA GLN A 112 -0.56 -24.43 10.04
C GLN A 112 -1.80 -24.62 9.16
N ASN A 113 -2.99 -24.40 9.72
CA ASN A 113 -4.23 -24.49 8.95
C ASN A 113 -4.47 -23.25 8.11
N PHE A 114 -3.43 -22.71 7.49
CA PHE A 114 -3.51 -21.53 6.65
C PHE A 114 -2.83 -21.83 5.32
N LYS A 115 -3.60 -21.76 4.24
CA LYS A 115 -3.08 -22.00 2.90
C LYS A 115 -3.08 -20.69 2.12
N PRO A 116 -1.94 -20.22 1.62
CA PRO A 116 -1.93 -18.96 0.89
C PRO A 116 -2.60 -19.08 -0.46
N ARG A 117 -3.26 -17.99 -0.86
CA ARG A 117 -4.00 -17.93 -2.12
C ARG A 117 -3.28 -17.12 -3.19
N SER A 118 -1.99 -16.81 -2.97
CA SER A 118 -1.21 -16.07 -3.96
C SER A 118 0.27 -16.36 -3.71
N ASN A 119 0.85 -17.24 -4.51
CA ASN A 119 2.21 -17.70 -4.27
C ASN A 119 3.25 -16.79 -4.93
N ARG A 120 4.42 -16.71 -4.31
CA ARG A 120 5.55 -15.95 -4.82
C ARG A 120 6.43 -16.85 -5.69
N GLU A 121 7.05 -16.25 -6.71
CA GLU A 121 7.95 -16.98 -7.59
C GLU A 121 8.97 -16.02 -8.18
N GLU A 122 10.25 -16.28 -7.94
CA GLU A 122 11.32 -15.49 -8.52
C GLU A 122 11.51 -15.88 -9.99
N MET A 123 11.93 -14.90 -10.79
CA MET A 123 12.14 -15.11 -12.22
C MET A 123 12.91 -13.93 -12.78
N LYS A 124 13.33 -14.08 -14.04
CA LYS A 124 13.96 -12.98 -14.76
C LYS A 124 12.90 -12.06 -15.34
N PHE A 125 13.29 -10.81 -15.59
CA PHE A 125 12.33 -9.81 -16.05
C PHE A 125 11.74 -10.20 -17.40
N HIS A 126 12.55 -10.78 -18.29
CA HIS A 126 12.02 -11.22 -19.57
C HIS A 126 11.04 -12.38 -19.39
N GLU A 127 11.25 -13.22 -18.38
CA GLU A 127 10.29 -14.27 -18.09
C GLU A 127 8.97 -13.69 -17.59
N PHE A 128 9.03 -12.59 -16.82
CA PHE A 128 7.82 -11.94 -16.38
C PHE A 128 7.07 -11.30 -17.55
N VAL A 129 7.79 -10.65 -18.46
CA VAL A 129 7.15 -10.06 -19.62
C VAL A 129 6.54 -11.14 -20.50
N GLU A 130 7.25 -12.25 -20.67
CA GLU A 130 6.72 -13.37 -21.44
C GLU A 130 5.49 -13.98 -20.78
N LYS A 131 5.56 -14.16 -19.45
CA LYS A 131 4.44 -14.78 -18.75
C LYS A 131 3.18 -13.93 -18.82
N LEU A 132 3.34 -12.60 -18.88
CA LEU A 132 2.19 -11.74 -19.10
C LEU A 132 1.62 -11.91 -20.51
N GLN A 133 2.50 -12.00 -21.51
CA GLN A 133 2.03 -12.07 -22.88
C GLN A 133 1.30 -13.38 -23.17
N ASP A 134 1.72 -14.47 -22.51
CA ASP A 134 1.01 -15.74 -22.67
C ASP A 134 -0.41 -15.64 -22.14
N ILE A 135 -0.59 -15.01 -20.97
CA ILE A 135 -1.91 -14.88 -20.37
C ILE A 135 -2.83 -14.07 -21.26
N GLN A 136 -2.31 -12.98 -21.84
CA GLN A 136 -3.12 -12.15 -22.74
C GLN A 136 -3.51 -12.93 -23.99
N GLN A 137 -2.59 -13.70 -24.56
CA GLN A 137 -2.91 -14.52 -25.72
C GLN A 137 -3.86 -15.65 -25.34
N ARG A 138 -3.50 -16.43 -24.31
CA ARG A 138 -4.32 -17.54 -23.84
C ARG A 138 -5.71 -17.11 -23.39
N GLY A 139 -5.94 -15.81 -23.19
CA GLY A 139 -7.19 -15.35 -22.63
C GLY A 139 -7.40 -15.74 -21.19
N GLY A 140 -6.35 -16.19 -20.51
CA GLY A 140 -6.50 -16.64 -19.14
C GLY A 140 -6.79 -15.51 -18.17
N GLU A 141 -7.39 -15.88 -17.04
CA GLU A 141 -7.76 -14.93 -16.01
C GLU A 141 -6.78 -14.92 -14.84
N GLU A 142 -5.68 -15.67 -14.93
CA GLU A 142 -4.66 -15.60 -13.89
C GLU A 142 -4.03 -14.21 -13.89
N ARG A 143 -3.68 -13.73 -12.70
CA ARG A 143 -3.16 -12.39 -12.52
C ARG A 143 -1.79 -12.44 -11.87
N LEU A 144 -0.91 -11.52 -12.27
CA LEU A 144 0.45 -11.46 -11.77
C LEU A 144 0.74 -10.06 -11.24
N TYR A 145 1.70 -9.97 -10.33
CA TYR A 145 2.09 -8.69 -9.74
C TYR A 145 3.56 -8.75 -9.39
N LEU A 146 4.36 -7.90 -10.03
CA LEU A 146 5.79 -7.80 -9.75
C LEU A 146 6.00 -6.80 -8.62
N GLN A 147 6.53 -7.28 -7.49
CA GLN A 147 6.86 -6.42 -6.35
C GLN A 147 8.29 -6.74 -5.95
N GLN A 148 9.24 -5.93 -6.42
CA GLN A 148 10.65 -6.20 -6.21
C GLN A 148 11.38 -4.93 -5.81
N THR A 149 12.12 -5.00 -4.70
CA THR A 149 12.96 -3.89 -4.28
C THR A 149 14.11 -3.73 -5.28
N LEU A 150 14.30 -2.51 -5.78
CA LEU A 150 15.43 -2.24 -6.65
C LEU A 150 16.73 -2.22 -5.85
N ASN A 151 17.78 -2.81 -6.42
CA ASN A 151 19.09 -2.88 -5.77
C ASN A 151 20.19 -2.46 -6.74
N ASP A 152 21.42 -2.97 -6.52
CA ASP A 152 22.51 -2.60 -7.41
C ASP A 152 22.56 -3.45 -8.67
N THR A 153 21.79 -4.53 -8.75
CA THR A 153 21.84 -5.44 -9.89
C THR A 153 21.08 -4.91 -11.11
N VAL A 154 20.86 -3.60 -11.22
CA VAL A 154 20.12 -3.04 -12.34
C VAL A 154 21.08 -2.48 -13.36
N GLY A 155 20.65 -2.45 -14.62
CA GLY A 155 21.49 -2.01 -15.71
C GLY A 155 21.81 -0.53 -15.66
N ARG A 156 22.69 -0.11 -16.58
CA ARG A 156 23.25 1.24 -16.52
C ARG A 156 22.18 2.31 -16.72
N LYS A 157 21.30 2.12 -17.71
CA LYS A 157 20.30 3.13 -18.01
C LYS A 157 19.27 3.27 -16.89
N ILE A 158 19.00 2.18 -16.15
CA ILE A 158 18.06 2.27 -15.04
C ILE A 158 18.68 3.06 -13.89
N VAL A 159 19.99 2.90 -13.68
CA VAL A 159 20.66 3.71 -12.67
C VAL A 159 20.71 5.17 -13.10
N MET A 160 20.77 5.43 -14.40
CA MET A 160 20.64 6.79 -14.90
C MET A 160 19.33 7.41 -14.43
N ASP A 161 18.22 6.69 -14.64
CA ASP A 161 16.92 7.20 -14.23
C ASP A 161 16.83 7.33 -12.72
N PHE A 162 17.32 6.34 -11.97
CA PHE A 162 17.25 6.37 -10.52
C PHE A 162 17.99 7.58 -9.97
N LEU A 163 19.16 7.89 -10.52
CA LEU A 163 19.88 9.09 -10.13
C LEU A 163 19.14 10.35 -10.57
N GLY A 164 18.32 10.25 -11.61
CA GLY A 164 17.55 11.39 -12.07
C GLY A 164 16.33 11.72 -11.23
N PHE A 165 16.05 10.92 -10.21
CA PHE A 165 14.93 11.22 -9.33
C PHE A 165 15.19 12.52 -8.58
N ASN A 166 14.10 13.17 -8.16
CA ASN A 166 14.22 14.45 -7.45
C ASN A 166 14.59 14.20 -5.99
N TRP A 167 15.85 13.80 -5.81
CA TRP A 167 16.34 13.55 -4.46
C TRP A 167 16.42 14.83 -3.65
N ASN A 168 16.61 15.97 -4.31
CA ASN A 168 16.64 17.25 -3.60
C ASN A 168 15.34 17.47 -2.83
N TRP A 169 14.21 17.18 -3.48
CA TRP A 169 12.92 17.43 -2.83
C TRP A 169 12.63 16.40 -1.74
N ILE A 170 12.88 15.13 -2.02
CA ILE A 170 12.47 14.10 -1.07
C ILE A 170 13.43 14.02 0.12
N ASN A 171 14.70 14.36 -0.08
CA ASN A 171 15.61 14.43 1.06
C ASN A 171 15.27 15.61 1.97
N LYS A 172 14.83 16.73 1.39
CA LYS A 172 14.41 17.85 2.21
C LYS A 172 13.15 17.50 3.00
N GLN A 173 12.26 16.70 2.41
CA GLN A 173 11.10 16.21 3.14
C GLN A 173 11.52 15.28 4.27
N GLN A 174 12.51 14.42 4.02
CA GLN A 174 13.00 13.54 5.07
C GLN A 174 13.55 14.32 6.24
N GLY A 175 14.24 15.43 5.97
CA GLY A 175 14.82 16.22 7.05
C GLY A 175 13.78 17.02 7.81
N LYS A 176 12.83 17.64 7.11
CA LYS A 176 11.84 18.48 7.78
C LYS A 176 10.91 17.67 8.68
N ARG A 177 10.66 16.41 8.36
CA ARG A 177 9.76 15.59 9.15
C ARG A 177 10.49 14.79 10.22
N GLY A 178 11.82 14.89 10.29
CA GLY A 178 12.57 14.10 11.24
C GLY A 178 12.56 12.61 10.99
N TRP A 179 12.15 12.18 9.80
CA TRP A 179 12.06 10.77 9.48
C TRP A 179 13.44 10.11 9.53
N GLY A 180 13.43 8.78 9.64
CA GLY A 180 14.65 8.00 9.63
C GLY A 180 15.17 7.79 8.23
N GLN A 181 15.92 6.70 8.06
CA GLN A 181 16.54 6.39 6.78
C GLN A 181 15.50 5.91 5.77
N LEU A 182 15.77 6.16 4.50
CA LEU A 182 15.02 5.53 3.42
C LEU A 182 15.27 4.03 3.46
N THR A 183 14.26 3.24 3.81
CA THR A 183 14.48 1.81 3.97
C THR A 183 14.59 1.10 2.63
N SER A 184 13.70 1.39 1.69
CA SER A 184 13.72 0.69 0.42
C SER A 184 12.88 1.43 -0.60
N ASN A 185 13.10 1.08 -1.87
CA ASN A 185 12.26 1.47 -2.99
C ASN A 185 11.68 0.20 -3.59
N LEU A 186 10.36 0.11 -3.63
CA LEU A 186 9.68 -1.06 -4.19
C LEU A 186 9.13 -0.70 -5.56
N LEU A 187 9.51 -1.49 -6.56
CA LEU A 187 8.98 -1.36 -7.90
C LEU A 187 7.76 -2.25 -8.05
N LEU A 188 6.63 -1.67 -8.41
CA LEU A 188 5.38 -2.40 -8.58
C LEU A 188 4.94 -2.34 -10.03
N ILE A 189 4.81 -3.51 -10.65
CA ILE A 189 4.25 -3.64 -11.99
C ILE A 189 3.09 -4.63 -11.90
N GLY A 190 1.88 -4.16 -12.18
CA GLY A 190 0.70 -4.96 -12.01
C GLY A 190 -0.19 -4.92 -13.23
N MET A 191 -1.08 -5.91 -13.31
CA MET A 191 -2.06 -5.98 -14.36
C MET A 191 -3.30 -5.15 -14.00
N GLU A 192 -4.07 -4.81 -15.02
CA GLU A 192 -5.32 -4.10 -14.81
C GLU A 192 -6.25 -4.92 -13.93
N GLY A 193 -7.00 -4.23 -13.07
CA GLY A 193 -7.91 -4.88 -12.15
C GLY A 193 -7.26 -5.47 -10.92
N ASN A 194 -5.93 -5.47 -10.84
CA ASN A 194 -5.25 -5.98 -9.65
C ASN A 194 -5.60 -5.12 -8.44
N VAL A 195 -5.74 -5.78 -7.29
CA VAL A 195 -6.15 -5.13 -6.05
C VAL A 195 -5.21 -5.55 -4.95
N THR A 196 -4.64 -4.56 -4.25
CA THR A 196 -3.95 -4.82 -3.00
C THR A 196 -4.92 -4.52 -1.87
N PRO A 197 -5.43 -5.52 -1.17
CA PRO A 197 -6.47 -5.27 -0.16
C PRO A 197 -5.98 -4.41 0.99
N ALA A 198 -6.94 -3.91 1.76
CA ALA A 198 -6.67 -2.90 2.78
C ALA A 198 -5.67 -3.41 3.82
N HIS A 199 -4.69 -2.57 4.12
CA HIS A 199 -3.66 -2.87 5.11
C HIS A 199 -3.02 -1.55 5.52
N TYR A 200 -2.22 -1.60 6.58
CA TYR A 200 -1.44 -0.46 6.98
C TYR A 200 0.03 -0.85 7.10
N ASP A 201 0.90 0.15 7.01
CA ASP A 201 2.34 -0.04 7.13
C ASP A 201 2.86 0.82 8.27
N GLU A 202 3.95 0.36 8.87
CA GLU A 202 4.58 1.04 10.00
C GLU A 202 5.65 2.04 9.57
N GLN A 203 5.64 2.46 8.31
CA GLN A 203 6.60 3.42 7.79
C GLN A 203 5.89 4.48 6.98
N GLN A 204 6.54 5.62 6.82
CA GLN A 204 6.05 6.69 5.96
C GLN A 204 6.31 6.34 4.51
N ASN A 205 5.34 6.63 3.64
CA ASN A 205 5.38 6.17 2.26
C ASN A 205 5.10 7.32 1.31
N PHE A 206 5.97 7.49 0.31
CA PHE A 206 5.72 8.37 -0.81
C PHE A 206 5.47 7.48 -2.02
N PHE A 207 4.23 7.49 -2.50
CA PHE A 207 3.72 6.55 -3.49
C PHE A 207 3.75 7.27 -4.85
N ALA A 208 4.80 7.03 -5.63
CA ALA A 208 5.06 7.79 -6.85
C ALA A 208 4.59 7.01 -8.06
N GLN A 209 3.49 7.46 -8.66
CA GLN A 209 2.89 6.74 -9.79
C GLN A 209 3.62 7.07 -11.09
N ILE A 210 3.77 6.05 -11.93
CA ILE A 210 4.63 6.14 -13.12
C ILE A 210 3.84 5.85 -14.38
N LYS A 211 3.23 4.67 -14.46
CA LYS A 211 2.46 4.27 -15.62
C LYS A 211 1.09 3.76 -15.18
N GLY A 212 0.06 4.08 -15.96
CA GLY A 212 -1.29 3.67 -15.62
C GLY A 212 -1.87 4.49 -14.48
N TYR A 213 -3.06 4.08 -14.06
CA TYR A 213 -3.79 4.78 -13.01
C TYR A 213 -4.17 3.81 -11.91
N LYS A 214 -4.05 4.26 -10.66
CA LYS A 214 -4.40 3.45 -9.50
C LYS A 214 -5.34 4.25 -8.61
N ARG A 215 -6.42 3.59 -8.17
CA ARG A 215 -7.33 4.16 -7.19
C ARG A 215 -6.83 3.79 -5.80
N CYS A 216 -6.64 4.79 -4.95
CA CYS A 216 -6.12 4.60 -3.61
C CYS A 216 -7.19 5.04 -2.62
N ILE A 217 -7.65 4.11 -1.79
CA ILE A 217 -8.64 4.38 -0.76
C ILE A 217 -7.94 4.25 0.59
N LEU A 218 -7.92 5.35 1.35
CA LEU A 218 -7.20 5.42 2.61
C LEU A 218 -8.17 5.59 3.77
N PHE A 219 -7.82 5.00 4.91
CA PHE A 219 -8.58 5.12 6.14
C PHE A 219 -7.63 5.55 7.25
N PRO A 220 -8.01 6.55 8.06
CA PRO A 220 -7.13 7.00 9.13
C PRO A 220 -6.94 5.94 10.20
N PRO A 221 -5.90 6.07 11.03
CA PRO A 221 -5.67 5.04 12.07
C PRO A 221 -6.80 4.89 13.07
N ASP A 222 -7.62 5.93 13.29
CA ASP A 222 -8.67 5.81 14.30
C ASP A 222 -9.81 4.89 13.88
N GLN A 223 -9.79 4.36 12.67
CA GLN A 223 -10.80 3.40 12.22
C GLN A 223 -10.32 1.97 12.35
N PHE A 224 -9.33 1.73 13.21
CA PHE A 224 -8.91 0.37 13.57
C PHE A 224 -10.11 -0.52 13.89
N GLU A 225 -11.08 0.01 14.64
CA GLU A 225 -12.20 -0.79 15.10
C GLU A 225 -13.08 -1.26 13.94
N CYS A 226 -13.06 -0.54 12.83
CA CYS A 226 -13.93 -0.83 11.69
C CYS A 226 -13.29 -1.77 10.67
N LEU A 227 -11.99 -2.02 10.77
CA LEU A 227 -11.27 -2.71 9.72
C LEU A 227 -10.71 -4.06 10.14
N TYR A 228 -10.70 -4.37 11.45
CA TYR A 228 -10.46 -5.71 11.97
C TYR A 228 -9.23 -6.38 11.40
N PRO A 229 -8.03 -5.92 11.74
CA PRO A 229 -6.82 -6.59 11.24
C PRO A 229 -6.66 -7.98 11.84
N TYR A 230 -5.94 -8.82 11.11
CA TYR A 230 -5.57 -10.14 11.61
C TYR A 230 -4.76 -10.01 12.90
N PRO A 231 -4.66 -11.08 13.68
CA PRO A 231 -3.72 -11.08 14.81
C PRO A 231 -2.31 -10.78 14.36
N VAL A 232 -1.55 -10.16 15.26
CA VAL A 232 -0.17 -9.75 14.94
C VAL A 232 0.66 -10.96 14.53
N HIS A 233 0.43 -12.11 15.15
CA HIS A 233 1.21 -13.30 14.82
C HIS A 233 0.71 -14.02 13.57
N HIS A 234 -0.41 -13.59 12.98
CA HIS A 234 -0.91 -14.21 11.77
C HIS A 234 -0.08 -13.77 10.57
N PRO A 235 0.12 -14.65 9.59
CA PRO A 235 0.87 -14.25 8.39
C PRO A 235 0.32 -13.01 7.70
N CYS A 236 -0.99 -12.78 7.79
CA CYS A 236 -1.60 -11.58 7.20
C CYS A 236 -1.66 -10.42 8.18
N ASP A 237 -0.74 -10.38 9.14
CA ASP A 237 -0.59 -9.26 10.06
C ASP A 237 -0.62 -7.93 9.30
N ARG A 238 -1.33 -6.96 9.87
CA ARG A 238 -1.52 -5.59 9.39
C ARG A 238 -2.53 -5.50 8.25
N GLN A 239 -3.11 -6.61 7.80
CA GLN A 239 -4.14 -6.59 6.77
C GLN A 239 -5.52 -6.73 7.39
N SER A 240 -6.50 -6.11 6.74
CA SER A 240 -7.88 -6.20 7.19
C SER A 240 -8.46 -7.58 6.90
N GLN A 241 -9.22 -8.11 7.85
CA GLN A 241 -9.92 -9.37 7.63
C GLN A 241 -11.17 -9.22 6.79
N VAL A 242 -11.62 -7.99 6.55
CA VAL A 242 -12.89 -7.75 5.87
C VAL A 242 -12.72 -7.92 4.38
N ASP A 243 -13.56 -8.77 3.78
CA ASP A 243 -13.63 -8.88 2.33
C ASP A 243 -14.40 -7.68 1.80
N PHE A 244 -13.69 -6.73 1.20
CA PHE A 244 -14.35 -5.53 0.70
C PHE A 244 -15.41 -5.85 -0.35
N ASP A 245 -15.28 -6.97 -1.05
CA ASP A 245 -16.26 -7.35 -2.06
C ASP A 245 -17.47 -8.08 -1.48
N ASN A 246 -17.34 -8.68 -0.29
CA ASN A 246 -18.45 -9.35 0.37
C ASN A 246 -18.27 -9.23 1.88
N PRO A 247 -18.51 -8.03 2.43
CA PRO A 247 -18.22 -7.81 3.86
C PRO A 247 -19.17 -8.57 4.76
N ASP A 248 -18.61 -9.32 5.71
CA ASP A 248 -19.37 -10.08 6.68
C ASP A 248 -19.70 -9.14 7.85
N TYR A 249 -20.90 -8.56 7.82
CA TYR A 249 -21.30 -7.62 8.86
C TYR A 249 -21.61 -8.32 10.19
N GLU A 250 -21.72 -9.65 10.19
CA GLU A 250 -21.92 -10.36 11.45
C GLU A 250 -20.62 -10.47 12.23
N ARG A 251 -19.53 -10.85 11.55
CA ARG A 251 -18.23 -10.91 12.21
C ARG A 251 -17.63 -9.53 12.39
N PHE A 252 -17.88 -8.61 11.46
CA PHE A 252 -17.24 -7.29 11.46
C PHE A 252 -18.33 -6.22 11.40
N PRO A 253 -19.06 -6.02 12.50
CA PRO A 253 -20.20 -5.08 12.43
C PRO A 253 -19.80 -3.63 12.22
N ASN A 254 -18.64 -3.21 12.72
CA ASN A 254 -18.26 -1.81 12.61
C ASN A 254 -17.72 -1.45 11.23
N PHE A 255 -17.57 -2.42 10.33
CA PHE A 255 -17.26 -2.06 8.95
C PHE A 255 -18.38 -1.27 8.30
N GLN A 256 -19.60 -1.34 8.84
CA GLN A 256 -20.70 -0.49 8.40
C GLN A 256 -20.49 0.98 8.74
N ASN A 257 -19.48 1.31 9.54
CA ASN A 257 -19.20 2.67 9.94
C ASN A 257 -17.94 3.24 9.31
N VAL A 258 -17.29 2.50 8.41
CA VAL A 258 -15.99 2.90 7.89
C VAL A 258 -16.18 4.01 6.86
N VAL A 259 -15.29 4.99 6.89
CA VAL A 259 -15.30 6.10 5.95
C VAL A 259 -13.88 6.29 5.45
N GLY A 260 -13.72 6.47 4.14
CA GLY A 260 -12.42 6.50 3.53
C GLY A 260 -12.07 7.84 2.87
N TYR A 261 -10.79 7.98 2.57
CA TYR A 261 -10.27 9.05 1.74
C TYR A 261 -9.79 8.44 0.44
N GLU A 262 -10.23 9.00 -0.70
CA GLU A 262 -10.05 8.35 -1.98
C GLU A 262 -9.44 9.31 -2.99
N THR A 263 -8.62 8.76 -3.88
CA THR A 263 -8.05 9.51 -5.00
C THR A 263 -7.58 8.53 -6.07
N VAL A 264 -7.43 9.06 -7.28
CA VAL A 264 -6.86 8.30 -8.39
C VAL A 264 -5.56 8.98 -8.81
N VAL A 265 -4.45 8.27 -8.70
CA VAL A 265 -3.14 8.81 -9.07
C VAL A 265 -2.77 8.33 -10.46
N GLY A 266 -2.15 9.22 -11.22
CA GLY A 266 -1.66 8.90 -12.54
C GLY A 266 -0.20 9.24 -12.67
N PRO A 267 0.35 9.12 -13.88
CA PRO A 267 1.77 9.42 -14.10
C PRO A 267 2.13 10.82 -13.64
N GLY A 268 3.17 10.91 -12.81
CA GLY A 268 3.62 12.17 -12.25
C GLY A 268 3.10 12.46 -10.86
N ASP A 269 2.03 11.80 -10.44
CA ASP A 269 1.45 12.04 -9.12
C ASP A 269 2.24 11.31 -8.04
N VAL A 270 2.35 11.93 -6.88
CA VAL A 270 2.97 11.34 -5.71
C VAL A 270 1.97 11.42 -4.57
N LEU A 271 1.61 10.26 -4.02
CA LEU A 271 0.65 10.17 -2.92
C LEU A 271 1.41 9.93 -1.62
N TYR A 272 1.23 10.84 -0.66
CA TYR A 272 1.79 10.63 0.67
C TYR A 272 0.83 9.76 1.46
N ILE A 273 1.27 8.55 1.81
CA ILE A 273 0.50 7.65 2.66
C ILE A 273 1.11 7.71 4.05
N PRO A 274 0.50 8.42 5.00
CA PRO A 274 1.12 8.55 6.32
C PRO A 274 1.22 7.20 7.02
N MET A 275 2.17 7.10 7.95
N MET A 275 2.18 7.09 7.93
CA MET A 275 2.39 5.89 8.70
CA MET A 275 2.39 5.85 8.67
C MET A 275 1.12 5.48 9.45
C MET A 275 1.12 5.47 9.43
N TYR A 276 0.83 4.17 9.46
CA TYR A 276 -0.31 3.55 10.11
C TYR A 276 -1.65 3.86 9.45
N TRP A 277 -1.67 4.59 8.33
CA TRP A 277 -2.91 4.81 7.59
C TRP A 277 -3.22 3.59 6.74
N TRP A 278 -4.44 3.07 6.86
CA TRP A 278 -4.87 1.99 5.99
C TRP A 278 -4.90 2.47 4.54
N HIS A 279 -4.59 1.58 3.62
CA HIS A 279 -4.73 1.90 2.20
C HIS A 279 -5.14 0.66 1.41
N HIS A 280 -6.11 0.87 0.53
CA HIS A 280 -6.59 -0.12 -0.43
C HIS A 280 -6.25 0.41 -1.82
N ILE A 281 -5.47 -0.36 -2.58
CA ILE A 281 -4.97 0.07 -3.88
C ILE A 281 -5.50 -0.87 -4.94
N GLU A 282 -6.06 -0.32 -6.01
CA GLU A 282 -6.53 -1.11 -7.14
C GLU A 282 -6.08 -0.48 -8.44
N SER A 283 -5.57 -1.30 -9.36
CA SER A 283 -5.27 -0.85 -10.70
C SER A 283 -6.58 -0.78 -11.50
N LEU A 284 -6.81 0.34 -12.16
CA LEU A 284 -8.10 0.59 -12.79
C LEU A 284 -8.43 -0.49 -13.81
N LEU A 285 -9.70 -0.91 -13.80
CA LEU A 285 -10.17 -1.93 -14.73
C LEU A 285 -10.02 -1.45 -16.16
N ASN A 286 -9.50 -2.32 -17.03
CA ASN A 286 -9.31 -2.03 -18.44
C ASN A 286 -8.44 -0.79 -18.66
N GLY A 287 -7.51 -0.55 -17.74
CA GLY A 287 -6.59 0.57 -17.84
C GLY A 287 -5.17 0.22 -18.21
N GLY A 288 -4.90 -1.02 -18.60
CA GLY A 288 -3.55 -1.43 -18.92
C GLY A 288 -2.73 -1.70 -17.69
N ILE A 289 -1.46 -2.03 -17.92
CA ILE A 289 -0.56 -2.30 -16.80
C ILE A 289 -0.28 -1.02 -16.04
N THR A 290 0.07 -1.18 -14.77
CA THR A 290 0.44 -0.06 -13.91
C THR A 290 1.87 -0.22 -13.44
N ILE A 291 2.55 0.92 -13.27
CA ILE A 291 3.91 0.96 -12.75
C ILE A 291 3.97 1.99 -11.64
N THR A 292 4.52 1.60 -10.49
CA THR A 292 4.66 2.48 -9.34
C THR A 292 6.00 2.23 -8.68
N VAL A 293 6.61 3.29 -8.16
CA VAL A 293 7.74 3.21 -7.25
C VAL A 293 7.36 3.98 -5.99
N ASN A 294 7.47 3.32 -4.85
CA ASN A 294 7.21 3.98 -3.59
C ASN A 294 8.48 4.05 -2.75
N PHE A 295 8.51 5.03 -1.86
CA PHE A 295 9.66 5.36 -1.03
C PHE A 295 9.26 5.19 0.42
N TRP A 296 9.91 4.28 1.13
CA TRP A 296 9.59 4.02 2.53
C TRP A 296 10.65 4.60 3.44
N TYR A 297 10.21 5.39 4.41
CA TYR A 297 11.07 5.99 5.43
C TYR A 297 10.60 5.55 6.81
N LYS A 298 11.54 5.20 7.67
CA LYS A 298 11.21 4.99 9.07
C LYS A 298 10.67 6.29 9.66
N GLY A 299 9.60 6.18 10.45
CA GLY A 299 9.00 7.35 11.06
C GLY A 299 9.96 8.03 12.02
N ALA A 300 9.58 9.25 12.42
CA ALA A 300 10.36 10.00 13.38
C ALA A 300 10.40 9.25 14.71
N PRO A 301 11.47 9.40 15.49
CA PRO A 301 11.54 8.70 16.78
C PRO A 301 10.47 9.20 17.73
N THR A 302 10.09 8.32 18.65
CA THR A 302 9.09 8.68 19.66
C THR A 302 9.63 9.82 20.51
N PRO A 303 8.87 10.91 20.71
CA PRO A 303 9.40 12.05 21.46
C PRO A 303 9.66 11.69 22.92
N LYS A 304 10.56 12.46 23.52
CA LYS A 304 10.94 12.21 24.92
C LYS A 304 9.75 12.38 25.85
N ARG A 305 9.12 13.56 25.82
CA ARG A 305 7.92 13.81 26.62
C ARG A 305 6.70 13.30 25.87
N ILE A 306 5.89 12.49 26.54
CA ILE A 306 4.71 11.89 25.93
C ILE A 306 3.51 12.79 26.17
N GLU A 307 2.86 13.22 25.09
CA GLU A 307 1.73 14.12 25.19
C GLU A 307 0.42 13.34 25.21
N TYR A 308 -0.45 13.68 26.15
CA TYR A 308 -1.75 13.06 26.26
C TYR A 308 -2.85 14.03 25.86
N PRO A 309 -3.91 13.57 25.19
CA PRO A 309 -4.18 12.17 24.85
C PRO A 309 -3.30 11.64 23.72
N LEU A 310 -3.10 10.33 23.70
CA LEU A 310 -2.27 9.71 22.67
C LEU A 310 -2.93 9.83 21.30
N LYS A 311 -2.10 9.88 20.27
CA LYS A 311 -2.61 9.77 18.91
C LYS A 311 -3.09 8.35 18.64
N ALA A 312 -3.97 8.23 17.65
CA ALA A 312 -4.55 6.93 17.32
C ALA A 312 -3.47 5.91 16.93
N HIS A 313 -2.46 6.35 16.18
CA HIS A 313 -1.43 5.42 15.76
C HIS A 313 -0.58 4.94 16.94
N GLN A 314 -0.50 5.75 18.00
CA GLN A 314 0.20 5.31 19.20
C GLN A 314 -0.58 4.21 19.92
N LYS A 315 -1.91 4.31 19.93
CA LYS A 315 -2.71 3.25 20.54
C LYS A 315 -2.62 1.95 19.74
N VAL A 316 -2.53 2.07 18.40
CA VAL A 316 -2.32 0.87 17.58
C VAL A 316 -0.97 0.24 17.92
N ALA A 317 0.05 1.06 18.12
CA ALA A 317 1.37 0.54 18.49
C ALA A 317 1.32 -0.15 19.85
N ILE A 318 0.51 0.39 20.77
CA ILE A 318 0.37 -0.24 22.09
C ILE A 318 -0.32 -1.60 21.95
N MET A 319 -1.36 -1.68 21.11
CA MET A 319 -2.05 -2.95 20.93
C MET A 319 -1.14 -3.99 20.28
N ARG A 320 -0.31 -3.57 19.32
CA ARG A 320 0.62 -4.50 18.70
C ARG A 320 1.61 -5.05 19.71
N ASN A 321 2.17 -4.18 20.56
N ASN A 321 2.17 -4.18 20.56
CA ASN A 321 3.17 -4.63 21.52
CA ASN A 321 3.17 -4.63 21.52
C ASN A 321 2.58 -5.56 22.56
C ASN A 321 2.58 -5.56 22.55
N ILE A 322 1.32 -5.36 22.95
CA ILE A 322 0.69 -6.26 23.90
C ILE A 322 0.54 -7.65 23.30
N GLU A 323 0.08 -7.73 22.05
CA GLU A 323 -0.02 -9.02 21.38
C GLU A 323 1.35 -9.67 21.24
N LYS A 324 2.37 -8.87 20.94
CA LYS A 324 3.73 -9.41 20.79
C LYS A 324 4.24 -9.95 22.12
N MET A 325 4.21 -9.13 23.18
N MET A 325 4.16 -9.14 23.19
CA MET A 325 4.78 -9.56 24.44
CA MET A 325 4.61 -9.57 24.50
C MET A 325 3.97 -10.68 25.08
C MET A 325 3.82 -10.78 24.99
N LEU A 326 2.68 -10.77 24.75
N LEU A 326 2.50 -10.78 24.77
CA LEU A 326 1.88 -11.89 25.24
CA LEU A 326 1.69 -11.92 25.18
C LEU A 326 2.22 -13.17 24.50
C LEU A 326 2.12 -13.19 24.47
N GLY A 327 2.53 -13.07 23.20
CA GLY A 327 2.88 -14.25 22.44
C GLY A 327 4.15 -14.92 22.91
N GLU A 328 5.14 -14.12 23.32
CA GLU A 328 6.40 -14.69 23.78
C GLU A 328 6.36 -15.06 25.25
N ALA A 329 5.54 -14.37 26.06
CA ALA A 329 5.43 -14.74 27.47
C ALA A 329 4.70 -16.06 27.65
N LEU A 330 3.72 -16.35 26.79
CA LEU A 330 3.00 -17.61 26.86
C LEU A 330 3.72 -18.76 26.16
N GLY A 331 4.73 -18.46 25.35
CA GLY A 331 5.45 -19.47 24.60
C GLY A 331 4.73 -19.99 23.38
N ASN A 332 3.55 -19.47 23.06
CA ASN A 332 2.76 -19.93 21.93
C ASN A 332 1.82 -18.82 21.48
N PRO A 333 1.91 -18.38 20.23
CA PRO A 333 1.00 -17.32 19.76
C PRO A 333 -0.46 -17.74 19.75
N GLN A 334 -0.75 -19.05 19.73
CA GLN A 334 -2.13 -19.51 19.70
C GLN A 334 -2.85 -19.25 21.02
N GLU A 335 -2.11 -19.09 22.12
CA GLU A 335 -2.73 -18.84 23.42
C GLU A 335 -3.03 -17.36 23.66
N VAL A 336 -2.63 -16.48 22.74
CA VAL A 336 -2.89 -15.05 22.91
C VAL A 336 -4.39 -14.79 23.01
N GLY A 337 -5.16 -15.35 22.08
CA GLY A 337 -6.59 -15.15 22.03
C GLY A 337 -7.34 -15.60 23.26
N PRO A 338 -7.20 -16.89 23.63
CA PRO A 338 -7.91 -17.37 24.83
C PRO A 338 -7.55 -16.60 26.10
N LEU A 339 -6.31 -16.16 26.26
CA LEU A 339 -5.96 -15.41 27.45
C LEU A 339 -6.57 -14.01 27.43
N LEU A 340 -6.60 -13.37 26.24
CA LEU A 340 -7.21 -12.06 26.14
C LEU A 340 -8.70 -12.09 26.43
N ASN A 341 -9.40 -13.12 25.93
CA ASN A 341 -10.82 -13.26 26.24
C ASN A 341 -11.03 -13.50 27.73
N THR A 342 -10.19 -14.34 28.33
CA THR A 342 -10.25 -14.55 29.78
C THR A 342 -10.07 -13.24 30.53
N MET A 343 -9.27 -12.32 30.00
CA MET A 343 -8.99 -11.08 30.71
C MET A 343 -10.19 -10.16 30.71
N ILE A 344 -10.97 -10.13 29.64
CA ILE A 344 -12.02 -9.13 29.51
C ILE A 344 -13.43 -9.66 29.76
N LYS A 345 -13.66 -10.96 29.58
CA LYS A 345 -15.02 -11.49 29.66
C LYS A 345 -15.58 -11.34 31.07
N GLY A 346 -16.68 -10.59 31.18
CA GLY A 346 -17.25 -10.30 32.47
C GLY A 346 -16.45 -9.34 33.32
N ARG A 347 -15.37 -8.77 32.78
CA ARG A 347 -14.54 -7.83 33.52
C ARG A 347 -14.40 -6.48 32.82
N TYR A 348 -14.28 -6.46 31.50
CA TYR A 348 -14.18 -5.20 30.77
C TYR A 348 -15.19 -5.06 29.65
N ASN A 349 -16.03 -6.07 29.42
CA ASN A 349 -17.00 -6.01 28.33
C ASN A 349 -18.44 -6.05 28.83
C10 P5I B . 3.66 -2.72 1.62
C13 P5I B . 4.60 -6.34 2.20
C15 P5I B . 5.85 -8.22 3.53
C17 P5I B . 5.15 -10.52 3.35
C21 P5I B . 6.91 -8.60 4.34
C24 P5I B . 3.26 -4.58 0.16
C02 P5I B . 1.47 -1.44 -1.03
C04 P5I B . 0.46 -0.61 -3.14
C05 P5I B . 0.21 -0.93 -4.61
C08 P5I B . 2.32 -2.41 -0.23
C11 P5I B . 3.86 -4.04 1.29
C12 P5I B . 4.71 -4.94 2.15
C14 P5I B . 5.59 -6.76 3.15
C16 P5I B . 4.98 -9.18 3.04
C18 P5I B . 6.21 -10.89 4.16
C19 P5I B . 7.08 -9.94 4.66
C25 P5I B . 2.47 -3.73 -0.61
N03 P5I B . 1.29 -1.59 -2.48
N09 P5I B . 2.91 -1.95 0.86
N22 P5I B . 6.18 -5.65 3.59
O01 P5I B . 0.93 -0.55 -0.47
O06 P5I B . 0.33 0.01 -5.45
O07 P5I B . -0.10 -2.10 -4.95
O23 P5I B . 5.65 -4.60 2.99
O26 P5I B . 1.84 -4.23 -1.77
CL20 P5I B . 8.44 -10.47 5.70
C1 GOL C . 25.53 -2.14 -17.73
O1 GOL C . 25.87 -2.97 -16.66
C2 GOL C . 24.60 -2.95 -18.66
O2 GOL C . 23.50 -3.46 -17.97
C3 GOL C . 24.19 -1.96 -19.77
O3 GOL C . 24.67 -2.48 -20.97
C1 GOL D . -9.86 -11.08 1.41
O1 GOL D . -10.07 -9.80 0.90
C2 GOL D . -10.58 -11.13 2.79
O2 GOL D . -10.92 -12.42 3.15
C3 GOL D . -9.58 -10.47 3.79
O3 GOL D . -8.47 -11.32 3.88
ZN ZN E . 1.19 -0.66 1.97
S SO4 F . -5.80 -19.44 -16.68
O1 SO4 F . -4.58 -19.22 -15.92
O2 SO4 F . -6.41 -20.71 -16.28
O3 SO4 F . -5.48 -19.49 -18.10
O4 SO4 F . -6.75 -18.36 -16.42
S SO4 G . -5.51 10.98 15.82
O1 SO4 G . -4.87 10.19 14.78
O2 SO4 G . -5.36 10.29 17.12
O3 SO4 G . -6.93 11.13 15.52
O4 SO4 G . -4.88 12.29 15.90
S SO4 H . -10.23 -6.14 -15.87
O1 SO4 H . -9.88 -6.29 -14.47
O2 SO4 H . -9.97 -7.40 -16.57
O3 SO4 H . -11.64 -5.80 -16.00
O4 SO4 H . -9.42 -5.08 -16.47
S SO4 I . -4.55 19.02 -10.96
O1 SO4 I . -3.30 18.97 -11.70
O2 SO4 I . -4.91 17.69 -10.50
O3 SO4 I . -5.61 19.53 -11.84
O4 SO4 I . -4.40 19.91 -9.82
S SO4 J . 6.53 -7.83 13.58
O1 SO4 J . 7.70 -8.10 14.41
O2 SO4 J . 5.43 -8.72 13.99
O3 SO4 J . 6.12 -6.44 13.75
O4 SO4 J . 6.86 -8.09 12.19
S SO4 K . -8.21 3.82 18.42
O1 SO4 K . -6.78 3.56 18.36
O2 SO4 K . -8.89 2.71 19.10
O3 SO4 K . -8.74 3.95 17.07
O4 SO4 K . -8.45 5.07 19.16
S SO4 L . -11.48 -11.63 -11.03
O1 SO4 L . -10.21 -12.09 -11.57
O2 SO4 L . -12.46 -12.71 -11.12
O3 SO4 L . -11.95 -10.48 -11.79
O4 SO4 L . -11.31 -11.25 -9.63
S SO4 M . 15.43 -8.61 -2.09
O1 SO4 M . 16.31 -9.72 -1.75
O2 SO4 M . 14.27 -9.12 -2.84
O3 SO4 M . 14.97 -7.95 -0.87
O4 SO4 M . 16.15 -7.65 -2.92
#